data_1JJT
#
_entry.id   1JJT
#
_cell.length_a   71.800
_cell.length_b   45.180
_cell.length_c   64.510
_cell.angle_alpha   90.00
_cell.angle_beta   100.32
_cell.angle_gamma   90.00
#
_symmetry.space_group_name_H-M   'P 1 21 1'
#
loop_
_entity.id
_entity.type
_entity.pdbx_description
1 polymer 'IMP-1 METALLO BETA-LACTAMASE'
2 non-polymer 'ZINC ION'
3 non-polymer 'ACETATE ION'
4 non-polymer '2,3-BIS-BENZO[1,3]DIOXOL-5-YLMETHYL-SUCCINIC ACID'
5 water water
#
_entity_poly.entity_id   1
_entity_poly.type   'polypeptide(L)'
_entity_poly.pdbx_seq_one_letter_code
;AESLPDLKIEKLDEGVYVHTSFEEVNGWGVVPKHGLVVLVNAEAYLIDTPFTAKDTEKLVTWFVERGYKIKGSISSHFHS
DSTGGIEWLNSRSIPTYASELTNELLKKDGKVQATNSFSGVNYWLVKNKIEVFYPGPGHTPDNVVVWLPERKILFGGCFI
KPYGLGNLGDANIEAWPKSAKLLKSKYGKAKLVVPSHSEVGDASLLKLTLEQAVKGLNESKKPSKPSN
;
_entity_poly.pdbx_strand_id   A,B
#
loop_
_chem_comp.id
_chem_comp.type
_chem_comp.name
_chem_comp.formula
ACT non-polymer 'ACETATE ION' 'C2 H3 O2 -1'
BDS non-polymer '2,3-BIS-BENZO[1,3]DIOXOL-5-YLMETHYL-SUCCINIC ACID' 'C20 H18 O8'
ZN non-polymer 'ZINC ION' 'Zn 2'
#
# COMPACT_ATOMS: atom_id res chain seq x y z
N SER A 3 -15.06 3.37 -8.27
CA SER A 3 -14.76 2.94 -6.92
C SER A 3 -15.75 1.87 -6.47
N LEU A 4 -15.24 0.68 -6.18
CA LEU A 4 -15.97 -0.52 -5.84
C LEU A 4 -15.73 -0.89 -4.38
N PRO A 5 -16.53 -1.77 -3.80
CA PRO A 5 -16.25 -2.10 -2.41
C PRO A 5 -14.86 -2.74 -2.29
N ASP A 6 -14.28 -2.59 -1.11
CA ASP A 6 -12.95 -3.09 -0.83
C ASP A 6 -12.93 -4.61 -0.68
N LEU A 7 -11.76 -5.18 -0.95
CA LEU A 7 -11.44 -6.57 -0.71
C LEU A 7 -11.65 -6.98 0.74
N LYS A 8 -12.33 -8.09 1.02
CA LYS A 8 -12.49 -8.59 2.39
C LYS A 8 -11.72 -9.89 2.61
N ILE A 9 -11.09 -10.03 3.77
CA ILE A 9 -10.33 -11.20 4.20
C ILE A 9 -10.79 -11.69 5.58
N GLU A 10 -11.46 -12.84 5.65
CA GLU A 10 -11.98 -13.24 6.95
C GLU A 10 -11.72 -14.73 7.21
N LYS A 11 -11.51 -15.03 8.49
CA LYS A 11 -11.24 -16.39 8.90
C LYS A 11 -12.52 -17.23 8.81
N LEU A 12 -12.37 -18.45 8.29
CA LEU A 12 -13.56 -19.28 8.15
C LEU A 12 -13.48 -20.45 9.14
N ASP A 13 -12.24 -20.84 9.40
CA ASP A 13 -11.83 -21.98 10.22
C ASP A 13 -10.32 -21.87 10.46
N GLU A 14 -9.74 -22.72 11.31
CA GLU A 14 -8.30 -22.61 11.59
C GLU A 14 -7.48 -22.85 10.31
N GLY A 15 -6.60 -21.93 9.95
CA GLY A 15 -5.85 -22.03 8.72
C GLY A 15 -6.62 -21.71 7.45
N VAL A 16 -7.90 -21.38 7.48
CA VAL A 16 -8.65 -21.12 6.25
C VAL A 16 -9.38 -19.78 6.27
N TYR A 17 -9.13 -18.96 5.25
CA TYR A 17 -9.71 -17.62 5.16
C TYR A 17 -10.52 -17.54 3.86
N VAL A 18 -11.63 -16.82 3.83
CA VAL A 18 -12.37 -16.49 2.62
C VAL A 18 -11.92 -15.10 2.17
N HIS A 19 -11.54 -14.94 0.90
CA HIS A 19 -11.29 -13.58 0.42
C HIS A 19 -12.47 -13.24 -0.49
N THR A 20 -12.98 -12.02 -0.39
CA THR A 20 -14.09 -11.58 -1.21
C THR A 20 -13.74 -10.33 -1.99
N SER A 21 -13.80 -10.36 -3.33
CA SER A 21 -13.53 -9.18 -4.15
C SER A 21 -14.81 -8.84 -4.92
N PHE A 22 -14.88 -7.68 -5.54
CA PHE A 22 -16.11 -7.21 -6.17
C PHE A 22 -15.81 -6.56 -7.51
N GLU A 23 -16.62 -6.88 -8.50
CA GLU A 23 -16.54 -6.37 -9.86
C GLU A 23 -17.94 -6.04 -10.40
N GLU A 24 -17.99 -4.97 -11.16
CA GLU A 24 -19.13 -4.52 -11.95
C GLU A 24 -19.06 -5.15 -13.33
N VAL A 25 -19.83 -6.22 -13.56
CA VAL A 25 -19.73 -6.92 -14.83
C VAL A 25 -21.09 -7.14 -15.48
N ASN A 26 -21.10 -7.03 -16.81
CA ASN A 26 -22.29 -7.08 -17.61
C ASN A 26 -23.51 -6.40 -17.03
N GLY A 27 -24.60 -7.17 -17.10
CA GLY A 27 -25.95 -6.70 -16.75
C GLY A 27 -26.33 -7.19 -15.37
N TRP A 28 -25.34 -7.70 -14.65
CA TRP A 28 -25.53 -8.28 -13.34
C TRP A 28 -25.13 -7.32 -12.23
N GLY A 29 -24.80 -6.08 -12.60
CA GLY A 29 -24.41 -5.09 -11.59
C GLY A 29 -23.12 -5.58 -10.94
N VAL A 30 -22.84 -5.13 -9.72
CA VAL A 30 -21.65 -5.55 -8.97
C VAL A 30 -21.84 -6.95 -8.39
N VAL A 31 -20.85 -7.79 -8.60
CA VAL A 31 -20.76 -9.20 -8.32
C VAL A 31 -19.73 -9.48 -7.23
N PRO A 32 -20.13 -10.03 -6.11
CA PRO A 32 -19.17 -10.56 -5.12
C PRO A 32 -18.61 -11.88 -5.67
N LYS A 33 -17.33 -12.10 -5.37
CA LYS A 33 -16.61 -13.32 -5.71
C LYS A 33 -15.79 -13.86 -4.55
N HIS A 34 -16.07 -15.08 -4.12
CA HIS A 34 -15.32 -15.64 -3.00
C HIS A 34 -14.27 -16.66 -3.46
N GLY A 35 -13.12 -16.63 -2.83
CA GLY A 35 -12.09 -17.66 -3.02
C GLY A 35 -11.47 -17.89 -1.62
N LEU A 36 -10.50 -18.78 -1.52
CA LEU A 36 -9.91 -19.10 -0.22
C LEU A 36 -8.44 -18.77 -0.13
N VAL A 37 -7.95 -18.64 1.11
CA VAL A 37 -6.52 -18.65 1.37
C VAL A 37 -6.28 -19.76 2.40
N VAL A 38 -5.49 -20.77 1.99
CA VAL A 38 -5.26 -21.89 2.91
C VAL A 38 -3.82 -21.84 3.44
N LEU A 39 -3.70 -21.78 4.76
CA LEU A 39 -2.45 -21.72 5.48
C LEU A 39 -1.88 -23.13 5.64
N VAL A 40 -0.60 -23.29 5.31
CA VAL A 40 0.19 -24.50 5.40
C VAL A 40 1.47 -24.24 6.18
N ASN A 41 1.34 -24.35 7.51
CA ASN A 41 2.42 -23.94 8.40
C ASN A 41 2.85 -22.52 8.11
N ALA A 42 4.01 -22.35 7.50
CA ALA A 42 4.43 -20.95 7.29
C ALA A 42 4.01 -20.45 5.91
N GLU A 43 3.34 -21.32 5.18
CA GLU A 43 2.96 -21.10 3.80
C GLU A 43 1.47 -20.78 3.67
N ALA A 44 1.11 -20.06 2.62
CA ALA A 44 -0.23 -19.66 2.25
C ALA A 44 -0.51 -20.03 0.79
N TYR A 45 -1.60 -20.72 0.50
CA TYR A 45 -1.97 -20.98 -0.88
C TYR A 45 -3.26 -20.26 -1.25
N LEU A 46 -3.29 -19.62 -2.42
CA LEU A 46 -4.55 -19.03 -2.87
C LEU A 46 -5.43 -20.03 -3.63
N ILE A 47 -6.69 -20.16 -3.23
CA ILE A 47 -7.73 -20.85 -3.98
C ILE A 47 -8.57 -19.79 -4.72
N ASP A 48 -8.33 -19.66 -6.01
CA ASP A 48 -8.78 -18.64 -6.94
C ASP A 48 -8.11 -17.31 -6.59
N THR A 49 -7.93 -16.48 -7.60
CA THR A 49 -7.51 -15.10 -7.40
C THR A 49 -8.71 -14.16 -7.44
N PRO A 50 -8.59 -13.02 -6.78
CA PRO A 50 -9.55 -11.94 -6.96
C PRO A 50 -9.71 -11.58 -8.43
N PHE A 51 -10.66 -10.70 -8.75
CA PHE A 51 -10.90 -10.29 -10.12
C PHE A 51 -9.67 -9.61 -10.71
N THR A 52 -8.89 -8.93 -9.87
CA THR A 52 -7.91 -8.00 -10.43
C THR A 52 -6.50 -8.08 -9.83
N ALA A 53 -5.58 -7.52 -10.63
CA ALA A 53 -4.17 -7.48 -10.24
C ALA A 53 -4.06 -6.73 -8.92
N LYS A 54 -4.73 -5.58 -8.86
CA LYS A 54 -4.64 -4.72 -7.68
C LYS A 54 -5.14 -5.36 -6.40
N ASP A 55 -6.25 -6.10 -6.43
CA ASP A 55 -6.73 -6.78 -5.23
C ASP A 55 -5.91 -8.03 -4.92
N THR A 56 -5.39 -8.68 -5.96
CA THR A 56 -4.51 -9.84 -5.83
C THR A 56 -3.23 -9.40 -5.10
N GLU A 57 -2.71 -8.23 -5.47
CA GLU A 57 -1.56 -7.69 -4.75
C GLU A 57 -1.95 -7.33 -3.32
N LYS A 58 -3.19 -6.85 -3.14
CA LYS A 58 -3.54 -6.50 -1.75
C LYS A 58 -3.63 -7.75 -0.88
N LEU A 59 -4.20 -8.82 -1.44
CA LEU A 59 -4.34 -10.11 -0.77
C LEU A 59 -3.00 -10.68 -0.34
N VAL A 60 -2.06 -10.67 -1.29
CA VAL A 60 -0.74 -11.21 -0.94
C VAL A 60 -0.06 -10.36 0.13
N THR A 61 -0.15 -9.04 0.00
CA THR A 61 0.54 -8.15 0.92
C THR A 61 0.07 -8.36 2.36
N TRP A 62 -1.18 -8.75 2.52
CA TRP A 62 -1.81 -8.87 3.83
C TRP A 62 -1.30 -10.12 4.54
N PHE A 63 -1.02 -11.15 3.73
CA PHE A 63 -0.50 -12.38 4.29
C PHE A 63 1.03 -12.34 4.34
N VAL A 64 1.69 -11.79 3.32
CA VAL A 64 3.14 -11.62 3.40
C VAL A 64 3.52 -10.83 4.66
N GLU A 65 2.89 -9.68 4.88
CA GLU A 65 3.25 -8.78 5.96
C GLU A 65 3.00 -9.39 7.33
N ARG A 66 2.33 -10.53 7.38
CA ARG A 66 2.17 -11.24 8.66
C ARG A 66 3.14 -12.41 8.72
N GLY A 67 4.09 -12.43 7.78
CA GLY A 67 5.06 -13.51 7.83
C GLY A 67 4.73 -14.69 6.94
N TYR A 68 3.62 -14.64 6.21
CA TYR A 68 3.23 -15.73 5.32
C TYR A 68 3.64 -15.50 3.88
N LYS A 69 4.59 -16.31 3.43
CA LYS A 69 5.04 -16.30 2.05
C LYS A 69 4.05 -17.05 1.16
N ILE A 70 3.67 -16.44 0.04
CA ILE A 70 2.71 -17.08 -0.85
C ILE A 70 3.39 -18.19 -1.65
N LYS A 71 3.13 -19.45 -1.28
CA LYS A 71 3.75 -20.55 -1.99
C LYS A 71 3.12 -20.80 -3.37
N GLY A 72 1.85 -20.41 -3.58
CA GLY A 72 1.24 -20.80 -4.84
C GLY A 72 -0.25 -20.49 -4.89
N SER A 73 -0.80 -20.58 -6.10
CA SER A 73 -2.20 -20.37 -6.35
C SER A 73 -2.76 -21.41 -7.31
N ILE A 74 -4.04 -21.72 -7.15
CA ILE A 74 -4.73 -22.61 -8.08
C ILE A 74 -6.03 -21.95 -8.54
N SER A 75 -6.31 -22.00 -9.83
CA SER A 75 -7.56 -21.39 -10.30
C SER A 75 -8.56 -22.47 -10.69
N SER A 76 -9.81 -22.38 -10.26
CA SER A 76 -10.82 -23.42 -10.46
C SER A 76 -11.44 -23.42 -11.85
N HIS A 77 -11.27 -22.38 -12.66
CA HIS A 77 -11.79 -22.43 -14.03
C HIS A 77 -11.23 -21.22 -14.78
N PHE A 78 -11.44 -21.11 -16.09
CA PHE A 78 -10.65 -20.10 -16.80
C PHE A 78 -11.24 -18.71 -16.70
N HIS A 79 -12.49 -18.53 -16.31
CA HIS A 79 -13.08 -17.19 -16.26
C HIS A 79 -12.26 -16.24 -15.39
N SER A 80 -12.22 -14.94 -15.69
CA SER A 80 -11.43 -13.98 -14.93
C SER A 80 -11.78 -13.85 -13.46
N ASP A 81 -12.96 -14.27 -12.99
CA ASP A 81 -13.19 -14.15 -11.53
C ASP A 81 -12.38 -15.20 -10.78
N SER A 82 -11.75 -16.14 -11.52
CA SER A 82 -10.86 -17.11 -10.88
C SER A 82 -9.41 -16.97 -11.32
N THR A 83 -9.14 -16.34 -12.47
CA THR A 83 -7.77 -16.16 -12.96
C THR A 83 -7.32 -14.73 -13.13
N GLY A 84 -8.09 -13.72 -12.73
CA GLY A 84 -7.64 -12.36 -13.05
C GLY A 84 -6.30 -11.98 -12.47
N GLY A 85 -5.81 -12.69 -11.45
CA GLY A 85 -4.55 -12.29 -10.83
C GLY A 85 -3.35 -13.15 -11.19
N ILE A 86 -3.47 -14.06 -12.16
CA ILE A 86 -2.36 -14.95 -12.50
C ILE A 86 -1.20 -14.14 -13.10
N GLU A 87 -1.48 -13.23 -14.03
CA GLU A 87 -0.47 -12.38 -14.64
C GLU A 87 0.37 -11.69 -13.56
N TRP A 88 -0.27 -11.02 -12.61
CA TRP A 88 0.45 -10.33 -11.54
C TRP A 88 1.30 -11.32 -10.76
N LEU A 89 0.65 -12.38 -10.29
CA LEU A 89 1.39 -13.44 -9.57
C LEU A 89 2.62 -13.91 -10.34
N ASN A 90 2.50 -14.16 -11.65
CA ASN A 90 3.68 -14.68 -12.37
C ASN A 90 4.79 -13.64 -12.38
N SER A 91 4.40 -12.36 -12.42
CA SER A 91 5.39 -11.31 -12.47
C SER A 91 6.07 -11.11 -11.12
N ARG A 92 5.62 -11.77 -10.06
CA ARG A 92 6.28 -11.72 -8.77
C ARG A 92 6.94 -13.06 -8.40
N SER A 93 7.00 -13.97 -9.35
CA SER A 93 7.56 -15.30 -9.24
C SER A 93 6.88 -16.16 -8.17
N ILE A 94 5.56 -16.10 -8.10
CA ILE A 94 4.75 -16.99 -7.27
C ILE A 94 4.14 -18.05 -8.17
N PRO A 95 4.46 -19.33 -7.97
CA PRO A 95 3.91 -20.39 -8.81
C PRO A 95 2.39 -20.32 -8.93
N THR A 96 1.85 -20.48 -10.14
CA THR A 96 0.39 -20.55 -10.35
C THR A 96 0.04 -21.89 -11.00
N TYR A 97 -1.12 -22.43 -10.67
CA TYR A 97 -1.62 -23.72 -11.10
C TYR A 97 -3.05 -23.66 -11.69
N ALA A 98 -3.26 -24.47 -12.69
CA ALA A 98 -4.53 -24.72 -13.36
C ALA A 98 -4.50 -26.04 -14.12
N SER A 99 -5.64 -26.56 -14.58
CA SER A 99 -5.54 -27.81 -15.35
C SER A 99 -5.12 -27.54 -16.79
N GLU A 100 -4.62 -28.57 -17.46
CA GLU A 100 -4.21 -28.43 -18.87
C GLU A 100 -5.36 -27.83 -19.68
N LEU A 101 -6.57 -28.35 -19.44
CA LEU A 101 -7.71 -27.79 -20.16
C LEU A 101 -7.91 -26.32 -19.82
N THR A 102 -7.86 -25.94 -18.54
CA THR A 102 -8.01 -24.53 -18.16
C THR A 102 -6.96 -23.67 -18.82
N ASN A 103 -5.71 -24.15 -18.86
CA ASN A 103 -4.67 -23.40 -19.57
C ASN A 103 -4.97 -23.29 -21.06
N GLU A 104 -5.57 -24.33 -21.63
CA GLU A 104 -5.89 -24.29 -23.07
C GLU A 104 -6.95 -23.22 -23.34
N LEU A 105 -7.95 -23.19 -22.46
CA LEU A 105 -9.00 -22.19 -22.63
C LEU A 105 -8.46 -20.78 -22.41
N LEU A 106 -7.57 -20.56 -21.45
CA LEU A 106 -6.97 -19.24 -21.29
C LEU A 106 -6.22 -18.82 -22.55
N LYS A 107 -5.40 -19.73 -23.05
CA LYS A 107 -4.59 -19.44 -24.23
C LYS A 107 -5.46 -19.10 -25.44
N LYS A 108 -6.47 -19.95 -25.65
CA LYS A 108 -7.41 -19.72 -26.74
C LYS A 108 -7.98 -18.31 -26.65
N ASP A 109 -8.20 -17.83 -25.44
CA ASP A 109 -8.84 -16.56 -25.12
C ASP A 109 -7.91 -15.35 -25.12
N GLY A 110 -6.66 -15.55 -25.51
CA GLY A 110 -5.65 -14.52 -25.47
C GLY A 110 -5.17 -14.18 -24.08
N LYS A 111 -5.34 -15.02 -23.05
CA LYS A 111 -4.99 -14.65 -21.68
C LYS A 111 -3.72 -15.32 -21.16
N VAL A 112 -3.10 -14.78 -20.11
CA VAL A 112 -1.89 -15.37 -19.56
C VAL A 112 -2.16 -16.72 -18.91
N GLN A 113 -1.34 -17.72 -19.21
CA GLN A 113 -1.54 -19.05 -18.66
C GLN A 113 -0.92 -19.24 -17.28
N ALA A 114 -1.43 -20.21 -16.53
CA ALA A 114 -0.81 -20.57 -15.26
C ALA A 114 0.57 -21.18 -15.54
N THR A 115 1.54 -20.92 -14.67
CA THR A 115 2.90 -21.40 -14.86
C THR A 115 3.00 -22.90 -14.73
N ASN A 116 2.06 -23.51 -14.02
CA ASN A 116 2.02 -24.94 -13.74
C ASN A 116 0.67 -25.59 -14.06
N SER A 117 0.73 -26.72 -14.74
CA SER A 117 -0.39 -27.50 -15.20
C SER A 117 -0.48 -28.86 -14.55
N PHE A 118 -1.68 -29.42 -14.47
CA PHE A 118 -1.88 -30.78 -14.03
C PHE A 118 -2.97 -31.46 -14.87
N SER A 119 -2.94 -32.79 -14.81
CA SER A 119 -3.87 -33.75 -15.36
C SER A 119 -4.49 -34.63 -14.27
N GLY A 120 -5.52 -35.36 -14.65
CA GLY A 120 -6.22 -36.25 -13.76
C GLY A 120 -7.46 -35.65 -13.13
N VAL A 121 -8.39 -36.51 -12.70
CA VAL A 121 -9.58 -36.05 -11.99
C VAL A 121 -9.28 -35.69 -10.55
N ASN A 122 -8.09 -36.01 -10.02
CA ASN A 122 -7.82 -35.82 -8.60
C ASN A 122 -6.47 -35.24 -8.21
N TYR A 123 -5.93 -34.18 -8.78
CA TYR A 123 -4.58 -33.71 -8.42
C TYR A 123 -4.44 -33.24 -6.98
N TRP A 124 -3.38 -33.64 -6.29
CA TRP A 124 -3.10 -33.24 -4.92
C TRP A 124 -2.01 -32.16 -4.87
N LEU A 125 -2.42 -30.90 -4.74
CA LEU A 125 -1.51 -29.77 -4.78
C LEU A 125 -0.63 -29.85 -3.54
N VAL A 126 -1.26 -30.25 -2.44
CA VAL A 126 -0.58 -30.45 -1.17
C VAL A 126 -1.10 -31.74 -0.56
N LYS A 127 -0.22 -32.75 -0.55
CA LYS A 127 -0.52 -34.10 -0.08
C LYS A 127 -1.35 -34.07 1.21
N ASN A 128 -2.52 -34.69 1.12
CA ASN A 128 -3.39 -34.79 2.28
C ASN A 128 -3.81 -33.44 2.83
N LYS A 129 -3.69 -32.36 2.05
CA LYS A 129 -4.16 -31.07 2.58
C LYS A 129 -5.01 -30.32 1.56
N ILE A 130 -4.63 -30.35 0.29
CA ILE A 130 -5.38 -29.63 -0.74
C ILE A 130 -5.52 -30.51 -1.99
N GLU A 131 -6.73 -31.02 -2.18
CA GLU A 131 -7.10 -31.83 -3.31
C GLU A 131 -8.00 -31.07 -4.30
N VAL A 132 -7.71 -31.29 -5.58
CA VAL A 132 -8.42 -30.71 -6.71
C VAL A 132 -9.22 -31.82 -7.37
N PHE A 133 -10.51 -31.65 -7.64
CA PHE A 133 -11.26 -32.75 -8.28
C PHE A 133 -12.21 -32.26 -9.35
N TYR A 134 -12.30 -33.02 -10.44
CA TYR A 134 -13.08 -32.69 -11.63
C TYR A 134 -14.33 -33.56 -11.75
N PRO A 135 -15.49 -32.99 -11.41
CA PRO A 135 -16.74 -33.76 -11.39
C PRO A 135 -17.41 -33.89 -12.74
N GLY A 136 -16.85 -33.29 -13.79
CA GLY A 136 -17.48 -33.22 -15.09
C GLY A 136 -17.92 -31.80 -15.42
N PRO A 137 -18.40 -31.56 -16.63
CA PRO A 137 -18.79 -30.22 -17.06
C PRO A 137 -20.07 -29.72 -16.36
N GLY A 138 -20.21 -28.41 -16.33
CA GLY A 138 -21.34 -27.72 -15.76
C GLY A 138 -21.36 -26.23 -16.11
N HIS A 139 -20.98 -25.38 -15.15
CA HIS A 139 -20.75 -23.96 -15.40
C HIS A 139 -19.83 -23.73 -16.61
N THR A 140 -18.78 -24.55 -16.71
CA THR A 140 -17.82 -24.54 -17.81
C THR A 140 -17.34 -25.97 -18.01
N PRO A 141 -16.80 -26.26 -19.19
CA PRO A 141 -16.18 -27.58 -19.41
C PRO A 141 -15.05 -27.88 -18.44
N ASP A 142 -14.35 -26.89 -17.89
CA ASP A 142 -13.17 -27.20 -17.08
C ASP A 142 -13.34 -27.05 -15.58
N ASN A 143 -14.52 -26.66 -15.10
CA ASN A 143 -14.64 -26.33 -13.68
C ASN A 143 -14.19 -27.50 -12.81
N VAL A 144 -13.35 -27.21 -11.82
CA VAL A 144 -12.92 -28.17 -10.82
C VAL A 144 -13.25 -27.65 -9.41
N VAL A 145 -13.15 -28.51 -8.41
CA VAL A 145 -13.45 -28.16 -7.03
C VAL A 145 -12.19 -28.40 -6.21
N VAL A 146 -12.07 -27.78 -5.06
CA VAL A 146 -10.91 -27.91 -4.19
C VAL A 146 -11.33 -28.39 -2.81
N TRP A 147 -10.84 -29.57 -2.42
CA TRP A 147 -11.20 -30.17 -1.13
C TRP A 147 -10.12 -29.93 -0.08
N LEU A 148 -10.54 -29.70 1.16
CA LEU A 148 -9.64 -29.48 2.29
C LEU A 148 -9.96 -30.51 3.39
N PRO A 149 -9.16 -31.56 3.44
CA PRO A 149 -9.42 -32.71 4.29
C PRO A 149 -9.28 -32.43 5.79
N GLU A 150 -8.34 -31.60 6.22
CA GLU A 150 -8.24 -31.39 7.67
C GLU A 150 -9.53 -30.83 8.26
N ARG A 151 -10.16 -29.88 7.57
CA ARG A 151 -11.36 -29.25 8.11
C ARG A 151 -12.61 -29.69 7.36
N LYS A 152 -12.47 -30.53 6.34
CA LYS A 152 -13.63 -30.99 5.57
C LYS A 152 -14.38 -29.86 4.86
N ILE A 153 -13.63 -28.86 4.39
CA ILE A 153 -14.25 -27.75 3.67
C ILE A 153 -14.05 -27.95 2.18
N LEU A 154 -15.09 -27.81 1.37
CA LEU A 154 -15.08 -27.87 -0.08
C LEU A 154 -15.23 -26.52 -0.75
N PHE A 155 -14.29 -26.08 -1.57
CA PHE A 155 -14.49 -24.87 -2.37
C PHE A 155 -15.14 -25.25 -3.69
N GLY A 156 -16.39 -24.84 -3.95
CA GLY A 156 -17.10 -25.35 -5.11
C GLY A 156 -16.99 -24.47 -6.34
N GLY A 157 -16.46 -23.27 -6.17
CA GLY A 157 -16.32 -22.34 -7.27
C GLY A 157 -17.62 -21.99 -7.97
N CYS A 158 -17.59 -21.80 -9.30
CA CYS A 158 -18.84 -21.30 -9.90
C CYS A 158 -19.79 -22.44 -10.28
N PHE A 159 -19.41 -23.67 -9.96
CA PHE A 159 -20.21 -24.88 -10.15
C PHE A 159 -21.35 -24.97 -9.14
N ILE A 160 -21.17 -24.33 -7.98
CA ILE A 160 -22.20 -24.39 -6.95
C ILE A 160 -23.16 -23.20 -7.04
N LYS A 161 -24.41 -23.44 -7.37
CA LYS A 161 -25.41 -22.45 -7.76
C LYS A 161 -26.77 -22.78 -7.16
N PRO A 162 -27.00 -22.50 -5.88
CA PRO A 162 -28.20 -23.00 -5.19
C PRO A 162 -29.48 -22.28 -5.57
N TYR A 163 -29.47 -21.11 -6.22
CA TYR A 163 -30.72 -20.46 -6.60
C TYR A 163 -30.87 -20.23 -8.10
N GLY A 164 -30.03 -20.77 -8.95
CA GLY A 164 -30.13 -20.48 -10.39
C GLY A 164 -28.69 -20.51 -10.92
N LEU A 165 -28.49 -20.92 -12.15
CA LEU A 165 -27.22 -21.34 -12.71
C LEU A 165 -26.30 -20.19 -13.06
N GLY A 166 -26.80 -18.96 -13.20
CA GLY A 166 -25.79 -17.91 -13.41
C GLY A 166 -25.50 -17.67 -14.87
N ASN A 167 -24.29 -17.24 -15.18
CA ASN A 167 -23.81 -17.05 -16.55
C ASN A 167 -23.76 -18.38 -17.31
N LEU A 168 -24.58 -18.57 -18.34
CA LEU A 168 -24.55 -19.83 -19.10
C LEU A 168 -23.78 -19.72 -20.40
N GLY A 169 -22.93 -18.71 -20.58
CA GLY A 169 -22.28 -18.55 -21.87
C GLY A 169 -21.42 -19.75 -22.23
N ASP A 170 -20.79 -20.36 -21.22
CA ASP A 170 -19.86 -21.44 -21.50
C ASP A 170 -20.31 -22.74 -20.85
N ALA A 171 -21.57 -22.77 -20.39
CA ALA A 171 -22.00 -23.94 -19.63
C ALA A 171 -22.36 -25.12 -20.53
N ASN A 172 -22.34 -26.28 -19.93
CA ASN A 172 -22.84 -27.56 -20.42
C ASN A 172 -24.00 -28.01 -19.53
N ILE A 173 -25.20 -27.56 -19.92
CA ILE A 173 -26.37 -27.78 -19.07
C ILE A 173 -26.88 -29.21 -19.17
N GLU A 174 -26.62 -29.81 -20.33
CA GLU A 174 -26.95 -31.20 -20.59
C GLU A 174 -26.15 -32.12 -19.68
N ALA A 175 -24.91 -31.75 -19.38
CA ALA A 175 -24.05 -32.56 -18.51
C ALA A 175 -24.09 -32.20 -17.02
N TRP A 176 -24.44 -30.97 -16.67
CA TRP A 176 -24.41 -30.50 -15.28
C TRP A 176 -25.12 -31.43 -14.30
N PRO A 177 -26.30 -31.94 -14.55
CA PRO A 177 -26.95 -32.81 -13.53
C PRO A 177 -26.08 -34.02 -13.21
N LYS A 178 -25.53 -34.68 -14.23
CA LYS A 178 -24.69 -35.85 -13.98
C LYS A 178 -23.48 -35.49 -13.13
N SER A 179 -22.81 -34.41 -13.52
CA SER A 179 -21.66 -33.89 -12.79
C SER A 179 -22.05 -33.54 -11.36
N ALA A 180 -23.25 -32.96 -11.21
CA ALA A 180 -23.72 -32.60 -9.85
C ALA A 180 -23.95 -33.82 -8.97
N LYS A 181 -24.38 -34.93 -9.56
CA LYS A 181 -24.63 -36.11 -8.71
C LYS A 181 -23.31 -36.72 -8.26
N LEU A 182 -22.31 -36.77 -9.15
CA LEU A 182 -21.02 -37.32 -8.71
C LEU A 182 -20.47 -36.48 -7.56
N LEU A 183 -20.53 -35.16 -7.70
CA LEU A 183 -19.96 -34.30 -6.65
C LEU A 183 -20.74 -34.47 -5.37
N LYS A 184 -22.06 -34.63 -5.51
CA LYS A 184 -22.89 -34.80 -4.32
C LYS A 184 -22.49 -36.06 -3.57
N SER A 185 -21.97 -37.05 -4.28
CA SER A 185 -21.61 -38.30 -3.61
C SER A 185 -20.20 -38.22 -3.02
N LYS A 186 -19.27 -37.76 -3.85
CA LYS A 186 -17.87 -37.77 -3.42
C LYS A 186 -17.66 -36.92 -2.19
N TYR A 187 -18.43 -35.83 -2.11
CA TYR A 187 -18.21 -34.84 -1.06
C TYR A 187 -19.46 -34.61 -0.23
N GLY A 188 -20.10 -35.72 0.11
CA GLY A 188 -21.24 -35.70 1.00
C GLY A 188 -20.88 -35.41 2.43
N LYS A 189 -19.62 -35.63 2.83
CA LYS A 189 -19.25 -35.38 4.22
C LYS A 189 -18.57 -34.03 4.39
N ALA A 190 -18.85 -33.13 3.44
CA ALA A 190 -18.37 -31.77 3.59
C ALA A 190 -19.13 -31.10 4.74
N LYS A 191 -18.40 -30.41 5.59
CA LYS A 191 -18.99 -29.68 6.70
C LYS A 191 -19.43 -28.28 6.22
N LEU A 192 -18.53 -27.67 5.45
CA LEU A 192 -18.83 -26.38 4.84
C LEU A 192 -18.62 -26.45 3.33
N VAL A 193 -19.50 -25.86 2.55
CA VAL A 193 -19.34 -25.77 1.08
C VAL A 193 -19.27 -24.31 0.64
N VAL A 194 -18.23 -23.91 -0.07
CA VAL A 194 -18.00 -22.51 -0.41
C VAL A 194 -18.23 -22.21 -1.90
N PRO A 195 -19.31 -21.52 -2.24
CA PRO A 195 -19.64 -21.10 -3.60
C PRO A 195 -18.90 -19.81 -3.97
N SER A 196 -18.73 -19.59 -5.26
CA SER A 196 -18.12 -18.36 -5.72
C SER A 196 -19.00 -17.14 -5.49
N HIS A 197 -20.31 -17.23 -5.75
CA HIS A 197 -21.17 -16.05 -5.84
C HIS A 197 -22.37 -16.15 -4.89
N SER A 198 -22.32 -17.07 -3.96
CA SER A 198 -23.28 -17.24 -2.86
C SER A 198 -22.47 -17.34 -1.57
N GLU A 199 -23.03 -17.17 -0.39
CA GLU A 199 -22.24 -17.23 0.83
C GLU A 199 -22.05 -18.72 1.22
N VAL A 200 -21.32 -18.97 2.30
CA VAL A 200 -20.98 -20.33 2.71
C VAL A 200 -22.19 -21.07 3.27
N GLY A 201 -22.35 -22.32 2.85
CA GLY A 201 -23.40 -23.26 3.18
C GLY A 201 -22.84 -24.57 3.75
N ASP A 202 -23.66 -25.60 3.84
CA ASP A 202 -23.30 -26.96 4.25
C ASP A 202 -23.50 -27.88 3.06
N ALA A 203 -23.54 -29.20 3.24
CA ALA A 203 -23.71 -30.13 2.12
C ALA A 203 -25.05 -29.97 1.42
N SER A 204 -25.98 -29.27 2.05
CA SER A 204 -27.24 -28.94 1.38
C SER A 204 -27.01 -28.27 0.02
N LEU A 205 -26.00 -27.43 -0.12
CA LEU A 205 -25.81 -26.71 -1.38
C LEU A 205 -25.48 -27.67 -2.53
N LEU A 206 -24.93 -28.84 -2.19
CA LEU A 206 -24.68 -29.84 -3.23
C LEU A 206 -26.00 -30.35 -3.77
N LYS A 207 -27.04 -30.44 -2.93
CA LYS A 207 -28.32 -30.92 -3.43
C LYS A 207 -29.12 -29.84 -4.14
N LEU A 208 -29.06 -28.60 -3.64
CA LEU A 208 -29.76 -27.50 -4.31
C LEU A 208 -29.19 -27.28 -5.70
N THR A 209 -27.85 -27.34 -5.79
CA THR A 209 -27.24 -27.18 -7.11
C THR A 209 -27.76 -28.27 -8.05
N LEU A 210 -27.81 -29.52 -7.56
CA LEU A 210 -28.32 -30.60 -8.43
C LEU A 210 -29.75 -30.28 -8.87
N GLU A 211 -30.57 -29.82 -7.93
CA GLU A 211 -31.96 -29.47 -8.30
C GLU A 211 -32.06 -28.36 -9.33
N GLN A 212 -31.24 -27.33 -9.21
CA GLN A 212 -31.21 -26.24 -10.18
C GLN A 212 -30.74 -26.63 -11.57
N ALA A 213 -29.78 -27.56 -11.66
CA ALA A 213 -29.28 -28.04 -12.95
C ALA A 213 -30.33 -28.90 -13.66
N VAL A 214 -30.94 -29.84 -12.94
CA VAL A 214 -32.05 -30.60 -13.51
C VAL A 214 -33.14 -29.66 -13.99
N LYS A 215 -33.44 -28.65 -13.16
CA LYS A 215 -34.47 -27.68 -13.52
C LYS A 215 -34.13 -26.94 -14.80
N GLY A 216 -32.89 -26.44 -14.87
CA GLY A 216 -32.45 -25.65 -16.00
C GLY A 216 -32.49 -26.45 -17.29
N LEU A 217 -32.15 -27.73 -17.22
CA LEU A 217 -32.22 -28.58 -18.39
C LEU A 217 -33.66 -28.79 -18.86
N ASN A 218 -34.56 -28.96 -17.89
CA ASN A 218 -35.96 -29.14 -18.23
C ASN A 218 -36.41 -27.90 -19.00
N GLU A 219 -36.14 -26.76 -18.39
CA GLU A 219 -36.34 -25.44 -18.98
C GLU A 219 -35.79 -25.35 -20.39
N SER A 220 -34.57 -25.86 -20.60
CA SER A 220 -33.98 -25.69 -21.93
C SER A 220 -34.85 -26.31 -23.00
N LYS A 221 -35.49 -27.43 -22.67
CA LYS A 221 -36.30 -28.17 -23.64
C LYS A 221 -37.57 -27.42 -24.03
N LYS A 222 -38.04 -26.54 -23.14
CA LYS A 222 -39.24 -25.74 -23.34
C LYS A 222 -40.50 -26.54 -23.10
N GLU B 2 -7.05 34.10 16.10
CA GLU B 2 -7.51 33.13 17.09
C GLU B 2 -6.52 32.99 18.23
N SER B 3 -6.73 32.03 19.14
CA SER B 3 -5.68 31.87 20.14
C SER B 3 -4.90 30.58 19.88
N LEU B 4 -3.75 30.70 19.22
CA LEU B 4 -2.99 29.48 18.92
C LEU B 4 -1.93 29.21 19.98
N PRO B 5 -1.45 27.98 20.11
CA PRO B 5 -0.40 27.69 21.09
C PRO B 5 0.84 28.53 20.79
N ASP B 6 1.60 28.92 21.82
CA ASP B 6 2.81 29.69 21.68
C ASP B 6 3.98 28.93 21.07
N LEU B 7 4.89 29.67 20.44
CA LEU B 7 6.16 29.13 19.99
C LEU B 7 6.84 28.37 21.13
N LYS B 8 7.43 27.23 20.85
CA LYS B 8 8.23 26.46 21.79
C LYS B 8 9.67 26.38 21.32
N ILE B 9 10.61 26.48 22.23
CA ILE B 9 12.04 26.25 21.99
C ILE B 9 12.51 25.30 23.09
N GLU B 10 13.00 24.14 22.69
CA GLU B 10 13.34 23.01 23.54
C GLU B 10 14.70 22.45 23.13
N LYS B 11 15.57 22.10 24.07
CA LYS B 11 16.87 21.52 23.76
C LYS B 11 16.73 20.04 23.37
N LEU B 12 17.31 19.66 22.24
CA LEU B 12 17.28 18.31 21.74
C LEU B 12 18.61 17.61 21.99
N ASP B 13 19.70 18.37 21.90
CA ASP B 13 21.03 17.77 22.11
C ASP B 13 21.99 18.91 22.35
N GLU B 14 23.26 18.60 22.60
CA GLU B 14 24.26 19.65 22.75
C GLU B 14 24.32 20.53 21.51
N GLY B 15 24.03 21.82 21.67
CA GLY B 15 24.17 22.66 20.49
C GLY B 15 22.98 22.59 19.55
N VAL B 16 21.91 21.90 19.93
CA VAL B 16 20.78 21.75 19.02
C VAL B 16 19.44 21.92 19.76
N TYR B 17 18.65 22.86 19.27
CA TYR B 17 17.30 23.16 19.75
C TYR B 17 16.25 22.84 18.68
N VAL B 18 15.05 22.47 19.11
CA VAL B 18 13.90 22.28 18.24
C VAL B 18 12.96 23.46 18.44
N HIS B 19 12.50 24.12 17.38
CA HIS B 19 11.47 25.14 17.60
C HIS B 19 10.16 24.61 17.00
N THR B 20 9.08 24.87 17.74
CA THR B 20 7.75 24.42 17.34
C THR B 20 6.76 25.57 17.24
N SER B 21 6.17 25.77 16.06
CA SER B 21 5.16 26.81 15.91
C SER B 21 3.88 26.16 15.38
N PHE B 22 2.77 26.89 15.50
CA PHE B 22 1.43 26.41 15.22
C PHE B 22 0.60 27.36 14.36
N GLU B 23 -0.11 26.80 13.38
CA GLU B 23 -0.97 27.64 12.54
C GLU B 23 -2.13 26.81 11.98
N GLU B 24 -3.28 27.44 11.82
CA GLU B 24 -4.42 26.73 11.22
C GLU B 24 -4.21 26.66 9.71
N VAL B 25 -4.38 25.43 9.20
CA VAL B 25 -4.09 25.13 7.81
C VAL B 25 -5.20 24.37 7.11
N ASN B 26 -5.79 25.02 6.11
CA ASN B 26 -6.88 24.42 5.32
C ASN B 26 -7.86 23.62 6.14
N GLY B 27 -7.90 22.33 5.79
CA GLY B 27 -8.72 21.34 6.50
C GLY B 27 -8.05 20.58 7.62
N TRP B 28 -6.79 20.83 7.96
CA TRP B 28 -6.15 19.93 8.93
C TRP B 28 -6.22 20.51 10.34
N GLY B 29 -7.02 21.55 10.54
CA GLY B 29 -7.05 22.25 11.82
C GLY B 29 -5.72 22.87 12.18
N VAL B 30 -5.40 22.94 13.48
CA VAL B 30 -4.08 23.44 13.90
C VAL B 30 -2.97 22.42 13.62
N VAL B 31 -2.00 22.83 12.81
CA VAL B 31 -0.85 22.07 12.39
C VAL B 31 0.38 22.49 13.20
N PRO B 32 1.03 21.55 13.88
CA PRO B 32 2.26 21.82 14.62
C PRO B 32 3.46 21.66 13.69
N LYS B 33 4.39 22.60 13.69
CA LYS B 33 5.56 22.52 12.81
C LYS B 33 6.89 22.57 13.55
N HIS B 34 7.76 21.57 13.45
CA HIS B 34 9.08 21.60 14.06
C HIS B 34 10.19 22.07 13.10
N GLY B 35 11.14 22.85 13.62
CA GLY B 35 12.36 23.16 12.87
C GLY B 35 13.53 23.07 13.88
N LEU B 36 14.74 23.46 13.56
CA LEU B 36 15.84 23.42 14.51
C LEU B 36 16.56 24.77 14.61
N VAL B 37 17.32 24.98 15.67
CA VAL B 37 18.34 26.00 15.76
C VAL B 37 19.65 25.31 16.14
N VAL B 38 20.66 25.48 15.28
CA VAL B 38 21.94 24.80 15.47
C VAL B 38 22.97 25.86 15.89
N LEU B 39 23.73 25.55 16.93
CA LEU B 39 24.72 26.47 17.45
C LEU B 39 26.14 26.01 17.12
N VAL B 40 26.93 26.93 16.58
CA VAL B 40 28.34 26.69 16.31
C VAL B 40 29.13 27.87 16.89
N ASN B 41 29.92 27.61 17.92
CA ASN B 41 30.52 28.71 18.69
C ASN B 41 29.44 29.68 19.15
N ALA B 42 29.54 30.96 18.75
CA ALA B 42 28.51 31.90 19.21
C ALA B 42 27.61 32.38 18.08
N GLU B 43 27.55 31.55 17.04
CA GLU B 43 26.70 31.76 15.89
C GLU B 43 25.52 30.78 15.92
N ALA B 44 24.40 31.18 15.34
CA ALA B 44 23.23 30.30 15.30
C ALA B 44 22.65 30.22 13.90
N TYR B 45 22.20 29.03 13.49
CA TYR B 45 21.56 28.77 12.22
C TYR B 45 20.14 28.19 12.37
N LEU B 46 19.16 28.80 11.70
CA LEU B 46 17.79 28.31 11.72
C LEU B 46 17.57 27.25 10.64
N ILE B 47 17.07 26.09 11.02
CA ILE B 47 16.65 25.05 10.08
C ILE B 47 15.13 25.17 10.00
N ASP B 48 14.66 25.75 8.90
CA ASP B 48 13.30 26.18 8.64
C ASP B 48 12.93 27.38 9.51
N THR B 49 12.11 28.28 9.00
CA THR B 49 11.50 29.33 9.82
C THR B 49 10.15 28.87 10.38
N PRO B 50 9.68 29.46 11.47
CA PRO B 50 8.31 29.32 11.94
C PRO B 50 7.32 29.77 10.85
N PHE B 51 6.03 29.58 11.05
CA PHE B 51 5.02 29.87 10.03
C PHE B 51 4.94 31.37 9.71
N THR B 52 5.14 32.19 10.74
CA THR B 52 4.92 33.62 10.66
C THR B 52 6.16 34.46 10.96
N ALA B 53 6.07 35.72 10.54
CA ALA B 53 7.06 36.75 10.77
C ALA B 53 7.24 36.99 12.28
N LYS B 54 6.09 37.00 12.94
CA LYS B 54 6.03 37.20 14.37
C LYS B 54 6.83 36.12 15.12
N ASP B 55 6.58 34.85 14.79
CA ASP B 55 7.22 33.80 15.58
C ASP B 55 8.70 33.72 15.21
N THR B 56 9.03 34.04 13.96
CA THR B 56 10.43 34.07 13.53
C THR B 56 11.19 35.13 14.31
N GLU B 57 10.58 36.30 14.51
CA GLU B 57 11.29 37.34 15.29
C GLU B 57 11.44 36.89 16.73
N LYS B 58 10.41 36.26 17.28
CA LYS B 58 10.53 35.79 18.68
C LYS B 58 11.65 34.78 18.84
N LEU B 59 11.83 33.94 17.83
CA LEU B 59 12.84 32.89 17.86
C LEU B 59 14.25 33.47 17.81
N VAL B 60 14.50 34.32 16.82
CA VAL B 60 15.74 35.10 16.71
C VAL B 60 16.06 35.88 17.97
N THR B 61 15.06 36.58 18.52
CA THR B 61 15.34 37.43 19.68
C THR B 61 15.76 36.57 20.88
N TRP B 62 15.16 35.41 21.08
CA TRP B 62 15.51 34.56 22.21
C TRP B 62 17.00 34.18 22.12
N PHE B 63 17.52 33.87 20.93
CA PHE B 63 18.93 33.49 20.87
C PHE B 63 19.86 34.68 20.97
N VAL B 64 19.44 35.81 20.38
CA VAL B 64 20.29 37.00 20.33
C VAL B 64 20.48 37.57 21.73
N GLU B 65 19.38 37.57 22.50
CA GLU B 65 19.41 38.06 23.88
C GLU B 65 20.33 37.23 24.76
N ARG B 66 20.64 36.02 24.29
CA ARG B 66 21.54 35.12 25.00
C ARG B 66 22.93 35.13 24.40
N GLY B 67 23.21 36.11 23.51
CA GLY B 67 24.54 36.29 22.99
C GLY B 67 24.90 35.68 21.64
N TYR B 68 23.94 35.08 20.94
CA TYR B 68 24.28 34.41 19.68
C TYR B 68 24.05 35.33 18.49
N LYS B 69 24.87 35.26 17.44
CA LYS B 69 24.54 36.01 16.23
C LYS B 69 23.89 35.07 15.21
N ILE B 70 22.79 35.51 14.61
CA ILE B 70 22.09 34.65 13.65
C ILE B 70 22.78 34.74 12.30
N LYS B 71 23.51 33.68 11.94
CA LYS B 71 24.28 33.76 10.70
C LYS B 71 23.48 33.35 9.48
N GLY B 72 22.35 32.67 9.65
CA GLY B 72 21.56 32.34 8.47
C GLY B 72 20.43 31.36 8.77
N SER B 73 19.61 31.11 7.76
CA SER B 73 18.46 30.23 7.74
C SER B 73 18.46 29.44 6.44
N ILE B 74 18.15 28.16 6.54
CA ILE B 74 17.93 27.33 5.36
C ILE B 74 16.50 26.81 5.40
N SER B 75 15.74 26.89 4.31
CA SER B 75 14.38 26.34 4.21
C SER B 75 14.33 25.00 3.47
N SER B 76 13.71 23.99 4.06
CA SER B 76 13.61 22.63 3.57
C SER B 76 12.76 22.46 2.32
N HIS B 77 11.78 23.32 2.07
CA HIS B 77 10.90 23.24 0.90
C HIS B 77 10.09 24.53 0.77
N PHE B 78 9.41 24.79 -0.33
CA PHE B 78 8.78 26.09 -0.54
C PHE B 78 7.51 26.34 0.25
N HIS B 79 6.82 25.34 0.78
CA HIS B 79 5.60 25.58 1.54
C HIS B 79 5.91 26.51 2.71
N SER B 80 4.91 27.28 3.14
CA SER B 80 5.02 28.29 4.18
C SER B 80 5.38 27.75 5.55
N ASP B 81 5.25 26.44 5.82
CA ASP B 81 5.64 26.00 7.17
C ASP B 81 7.16 26.00 7.28
N SER B 82 7.85 26.16 6.15
CA SER B 82 9.31 26.22 6.19
C SER B 82 9.83 27.60 5.77
N THR B 83 8.97 28.43 5.19
CA THR B 83 9.42 29.65 4.50
C THR B 83 8.81 30.95 4.97
N GLY B 84 7.77 30.83 5.79
CA GLY B 84 6.95 31.93 6.21
C GLY B 84 7.72 33.11 6.75
N GLY B 85 8.93 32.87 7.27
CA GLY B 85 9.66 33.97 7.89
C GLY B 85 10.76 34.57 7.06
N ILE B 86 10.92 34.12 5.82
CA ILE B 86 12.07 34.58 5.04
C ILE B 86 12.02 36.09 4.83
N GLU B 87 10.83 36.61 4.53
CA GLU B 87 10.72 38.06 4.31
C GLU B 87 11.17 38.79 5.57
N TRP B 88 10.68 38.39 6.75
CA TRP B 88 11.10 39.15 7.94
C TRP B 88 12.62 39.09 8.08
N LEU B 89 13.23 37.92 7.89
CA LEU B 89 14.68 37.82 7.98
C LEU B 89 15.38 38.73 6.97
N ASN B 90 14.99 38.68 5.69
CA ASN B 90 15.60 39.51 4.67
C ASN B 90 15.56 40.98 5.06
N SER B 91 14.47 41.40 5.68
CA SER B 91 14.28 42.79 6.09
C SER B 91 15.23 43.21 7.21
N ARG B 92 15.89 42.25 7.85
CA ARG B 92 16.82 42.51 8.94
C ARG B 92 18.26 42.17 8.54
N SER B 93 18.42 41.80 7.29
CA SER B 93 19.74 41.59 6.70
C SER B 93 20.43 40.34 7.22
N ILE B 94 19.63 39.39 7.71
CA ILE B 94 20.12 38.04 8.01
C ILE B 94 20.06 37.19 6.75
N PRO B 95 21.15 36.57 6.33
CA PRO B 95 21.15 35.77 5.09
C PRO B 95 20.20 34.58 5.11
N THR B 96 19.37 34.48 4.07
CA THR B 96 18.43 33.38 3.88
C THR B 96 18.86 32.49 2.72
N TYR B 97 18.72 31.17 2.90
CA TYR B 97 19.13 30.20 1.90
C TYR B 97 18.03 29.21 1.51
N ALA B 98 18.07 28.73 0.27
CA ALA B 98 17.20 27.67 -0.22
C ALA B 98 17.78 27.11 -1.52
N SER B 99 17.36 25.93 -1.97
CA SER B 99 17.81 25.40 -3.26
C SER B 99 17.27 26.25 -4.41
N GLU B 100 17.88 26.19 -5.58
CA GLU B 100 17.41 27.01 -6.70
C GLU B 100 15.95 26.65 -7.00
N LEU B 101 15.65 25.35 -6.97
CA LEU B 101 14.26 24.99 -7.29
C LEU B 101 13.29 25.55 -6.26
N THR B 102 13.69 25.52 -4.98
CA THR B 102 12.80 26.07 -3.97
C THR B 102 12.52 27.54 -4.25
N ASN B 103 13.58 28.28 -4.60
CA ASN B 103 13.37 29.72 -4.82
C ASN B 103 12.47 29.94 -6.03
N GLU B 104 12.50 28.96 -6.93
CA GLU B 104 11.77 29.21 -8.18
C GLU B 104 10.31 28.88 -7.93
N LEU B 105 10.08 27.86 -7.07
CA LEU B 105 8.67 27.60 -6.78
C LEU B 105 8.11 28.77 -5.98
N LEU B 106 8.95 29.36 -5.13
CA LEU B 106 8.46 30.45 -4.28
C LEU B 106 8.01 31.60 -5.18
N LYS B 107 8.87 31.94 -6.14
CA LYS B 107 8.52 33.04 -7.03
C LYS B 107 7.22 32.75 -7.77
N LYS B 108 7.10 31.51 -8.24
CA LYS B 108 5.94 31.05 -8.99
C LYS B 108 4.65 31.23 -8.22
N ASP B 109 4.68 31.08 -6.88
CA ASP B 109 3.42 31.29 -6.16
C ASP B 109 3.38 32.75 -5.72
N GLY B 110 4.35 33.49 -6.24
CA GLY B 110 4.53 34.90 -5.98
C GLY B 110 4.98 35.19 -4.56
N LYS B 111 5.94 34.41 -4.06
CA LYS B 111 6.41 34.61 -2.69
C LYS B 111 7.84 35.11 -2.62
N VAL B 112 8.17 35.74 -1.49
CA VAL B 112 9.52 36.26 -1.30
C VAL B 112 10.51 35.10 -1.28
N GLN B 113 11.60 35.23 -2.02
CA GLN B 113 12.71 34.34 -2.19
C GLN B 113 13.83 34.56 -1.17
N ALA B 114 14.58 33.50 -0.92
CA ALA B 114 15.79 33.57 -0.12
C ALA B 114 16.86 34.33 -0.89
N THR B 115 17.65 35.10 -0.15
CA THR B 115 18.69 35.92 -0.75
C THR B 115 19.83 35.09 -1.32
N ASN B 116 19.95 33.86 -0.84
CA ASN B 116 21.05 32.98 -1.23
C ASN B 116 20.49 31.68 -1.77
N SER B 117 20.98 31.13 -2.87
CA SER B 117 20.45 29.87 -3.40
C SER B 117 21.55 28.92 -3.82
N PHE B 118 21.24 27.63 -3.99
CA PHE B 118 22.29 26.72 -4.42
C PHE B 118 21.79 25.74 -5.50
N SER B 119 22.77 25.36 -6.29
CA SER B 119 22.87 24.38 -7.33
C SER B 119 23.23 23.03 -6.75
N GLY B 120 22.81 21.93 -7.38
CA GLY B 120 23.34 20.67 -6.89
C GLY B 120 22.42 19.94 -5.94
N VAL B 121 22.83 18.74 -5.63
CA VAL B 121 22.19 17.76 -4.78
C VAL B 121 22.61 17.92 -3.33
N ASN B 122 23.70 18.66 -3.08
CA ASN B 122 24.00 18.92 -1.65
C ASN B 122 24.61 20.31 -1.52
N TYR B 123 24.75 20.74 -0.27
CA TYR B 123 25.29 22.07 0.03
C TYR B 123 25.76 22.12 1.48
N TRP B 124 27.04 22.41 1.70
CA TRP B 124 27.52 22.53 3.09
C TRP B 124 27.26 23.94 3.59
N LEU B 125 26.19 24.10 4.36
CA LEU B 125 25.87 25.45 4.86
C LEU B 125 26.99 25.86 5.81
N VAL B 126 27.50 24.91 6.58
CA VAL B 126 28.70 25.12 7.40
C VAL B 126 29.63 23.91 7.23
N LYS B 127 30.86 24.10 6.77
CA LYS B 127 31.64 22.91 6.43
C LYS B 127 31.89 22.03 7.65
N ASN B 128 31.71 20.74 7.42
CA ASN B 128 31.90 19.71 8.43
C ASN B 128 30.90 19.79 9.56
N LYS B 129 29.86 20.64 9.49
CA LYS B 129 28.91 20.70 10.61
C LYS B 129 27.45 20.70 10.18
N ILE B 130 27.10 21.34 9.07
CA ILE B 130 25.70 21.33 8.62
C ILE B 130 25.64 21.18 7.10
N GLU B 131 25.11 20.05 6.67
CA GLU B 131 24.95 19.69 5.28
C GLU B 131 23.48 19.61 4.82
N VAL B 132 23.17 20.26 3.72
CA VAL B 132 21.89 20.15 3.02
C VAL B 132 21.98 19.12 1.90
N PHE B 133 20.99 18.23 1.79
CA PHE B 133 20.97 17.19 0.77
C PHE B 133 19.61 16.94 0.13
N TYR B 134 19.59 16.64 -1.19
CA TYR B 134 18.32 16.37 -1.86
C TYR B 134 18.15 14.89 -2.20
N PRO B 135 17.19 14.18 -1.60
CA PRO B 135 17.05 12.75 -1.88
C PRO B 135 16.20 12.49 -3.11
N GLY B 136 15.65 13.53 -3.73
CA GLY B 136 14.67 13.33 -4.79
C GLY B 136 13.27 13.81 -4.43
N PRO B 137 12.32 13.82 -5.35
CA PRO B 137 10.95 14.28 -5.07
C PRO B 137 10.19 13.36 -4.13
N GLY B 138 9.28 13.99 -3.38
CA GLY B 138 8.48 13.27 -2.41
C GLY B 138 7.23 14.07 -2.05
N HIS B 139 7.20 14.58 -0.83
CA HIS B 139 6.20 15.53 -0.35
C HIS B 139 6.01 16.68 -1.32
N THR B 140 7.12 17.12 -1.92
CA THR B 140 7.17 18.16 -2.93
C THR B 140 8.30 17.88 -3.92
N PRO B 141 8.31 18.54 -5.07
CA PRO B 141 9.46 18.31 -5.98
C PRO B 141 10.79 18.78 -5.41
N ASP B 142 10.83 19.74 -4.50
CA ASP B 142 12.03 20.40 -4.02
C ASP B 142 12.54 20.00 -2.64
N ASN B 143 11.88 19.09 -1.93
CA ASN B 143 12.10 18.88 -0.50
C ASN B 143 13.55 18.52 -0.22
N VAL B 144 14.20 19.19 0.75
CA VAL B 144 15.57 18.78 1.06
C VAL B 144 15.69 18.44 2.54
N VAL B 145 16.71 17.70 2.94
CA VAL B 145 16.91 17.40 4.37
C VAL B 145 18.19 18.05 4.88
N VAL B 146 18.36 18.11 6.21
CA VAL B 146 19.57 18.71 6.77
C VAL B 146 20.24 17.79 7.79
N TRP B 147 21.51 17.50 7.57
CA TRP B 147 22.31 16.56 8.36
C TRP B 147 23.37 17.25 9.21
N LEU B 148 23.43 16.90 10.47
CA LEU B 148 24.50 17.32 11.38
C LEU B 148 25.43 16.15 11.74
N PRO B 149 26.52 16.02 10.99
CA PRO B 149 27.47 14.91 11.12
C PRO B 149 28.05 14.71 12.50
N GLU B 150 28.44 15.76 13.23
CA GLU B 150 29.03 15.46 14.56
C GLU B 150 28.04 14.84 15.52
N ARG B 151 26.75 15.13 15.36
CA ARG B 151 25.68 14.70 16.24
C ARG B 151 24.86 13.52 15.72
N LYS B 152 25.04 13.18 14.46
CA LYS B 152 24.24 12.16 13.79
C LYS B 152 22.74 12.44 13.90
N ILE B 153 22.37 13.69 13.67
CA ILE B 153 20.97 14.13 13.71
C ILE B 153 20.54 14.50 12.29
N LEU B 154 19.41 13.96 11.82
CA LEU B 154 18.88 14.27 10.50
C LEU B 154 17.59 15.06 10.57
N PHE B 155 17.55 16.29 10.08
CA PHE B 155 16.26 16.98 10.03
C PHE B 155 15.56 16.54 8.73
N GLY B 156 14.47 15.80 8.83
CA GLY B 156 13.86 15.27 7.61
C GLY B 156 12.73 16.12 7.06
N GLY B 157 12.34 17.17 7.77
CA GLY B 157 11.28 18.04 7.30
C GLY B 157 9.98 17.34 6.96
N CYS B 158 9.26 17.84 5.96
CA CYS B 158 7.94 17.25 5.66
C CYS B 158 8.06 16.00 4.80
N PHE B 159 9.26 15.55 4.45
CA PHE B 159 9.49 14.31 3.73
C PHE B 159 9.29 13.12 4.66
N ILE B 160 9.60 13.31 5.95
CA ILE B 160 9.48 12.20 6.91
C ILE B 160 8.08 12.19 7.51
N LYS B 161 7.37 11.11 7.23
CA LYS B 161 5.94 10.89 7.43
C LYS B 161 5.68 9.44 7.84
N PRO B 162 5.92 9.07 9.09
CA PRO B 162 5.89 7.65 9.45
C PRO B 162 4.51 7.05 9.69
N TYR B 163 3.43 7.82 9.88
CA TYR B 163 2.14 7.18 10.08
C TYR B 163 1.12 7.57 9.01
N GLY B 164 1.55 8.30 7.98
CA GLY B 164 0.69 8.84 6.97
C GLY B 164 1.37 9.95 6.20
N LEU B 165 1.19 10.02 4.89
CA LEU B 165 1.93 10.96 4.06
C LEU B 165 1.44 12.39 4.18
N GLY B 166 0.34 12.69 4.82
CA GLY B 166 -0.20 14.02 5.00
C GLY B 166 -0.61 14.72 3.72
N ASN B 167 -0.25 15.99 3.51
CA ASN B 167 -0.72 16.74 2.35
C ASN B 167 -0.14 16.26 1.02
N LEU B 168 -0.97 15.65 0.17
CA LEU B 168 -0.47 15.10 -1.10
C LEU B 168 -0.66 16.07 -2.26
N GLY B 169 -1.01 17.32 -2.02
CA GLY B 169 -1.37 18.29 -3.05
C GLY B 169 -0.26 18.63 -4.02
N ASP B 170 0.97 18.74 -3.56
CA ASP B 170 2.13 19.03 -4.40
C ASP B 170 3.11 17.87 -4.47
N ALA B 171 2.70 16.71 -3.98
CA ALA B 171 3.61 15.56 -3.92
C ALA B 171 3.77 14.83 -5.23
N ASN B 172 4.87 14.10 -5.35
CA ASN B 172 5.16 13.15 -6.42
C ASN B 172 5.10 11.73 -5.88
N ILE B 173 3.93 11.09 -5.89
CA ILE B 173 3.81 9.77 -5.26
C ILE B 173 4.47 8.63 -6.01
N GLU B 174 4.85 8.82 -7.28
CA GLU B 174 5.57 7.76 -7.98
C GLU B 174 7.05 7.76 -7.60
N ALA B 175 7.62 8.94 -7.40
CA ALA B 175 9.03 9.08 -7.02
C ALA B 175 9.33 8.87 -5.55
N TRP B 176 8.40 9.14 -4.64
CA TRP B 176 8.68 9.12 -3.19
C TRP B 176 9.33 7.81 -2.76
N PRO B 177 8.85 6.63 -3.11
CA PRO B 177 9.48 5.40 -2.62
C PRO B 177 10.94 5.28 -3.05
N LYS B 178 11.28 5.83 -4.21
CA LYS B 178 12.67 5.74 -4.64
C LYS B 178 13.49 6.67 -3.73
N SER B 179 12.98 7.89 -3.56
CA SER B 179 13.61 8.91 -2.74
C SER B 179 13.82 8.45 -1.29
N ALA B 180 12.85 7.73 -0.73
CA ALA B 180 12.88 7.30 0.66
C ALA B 180 13.84 6.12 0.84
N LYS B 181 14.01 5.36 -0.22
CA LYS B 181 15.04 4.33 -0.28
C LYS B 181 16.43 4.97 -0.23
N LEU B 182 16.68 5.95 -1.10
CA LEU B 182 18.03 6.54 -1.07
C LEU B 182 18.29 7.16 0.30
N LEU B 183 17.34 7.94 0.81
CA LEU B 183 17.58 8.61 2.09
C LEU B 183 17.90 7.60 3.19
N LYS B 184 17.20 6.47 3.17
CA LYS B 184 17.31 5.42 4.16
C LYS B 184 18.71 4.81 4.23
N SER B 185 19.32 4.69 3.06
CA SER B 185 20.65 4.14 2.90
C SER B 185 21.72 5.07 3.43
N LYS B 186 21.70 6.29 2.88
CA LYS B 186 22.72 7.29 3.19
C LYS B 186 22.74 7.61 4.68
N TYR B 187 21.57 7.75 5.31
CA TYR B 187 21.57 8.16 6.71
C TYR B 187 21.11 7.06 7.66
N GLY B 188 21.36 5.80 7.33
CA GLY B 188 20.98 4.66 8.14
C GLY B 188 21.52 4.76 9.56
N LYS B 189 22.64 5.48 9.70
CA LYS B 189 23.35 5.56 10.97
C LYS B 189 22.93 6.75 11.81
N ALA B 190 21.80 7.36 11.45
CA ALA B 190 21.32 8.48 12.27
C ALA B 190 20.91 8.03 13.66
N LYS B 191 21.27 8.82 14.68
CA LYS B 191 20.76 8.52 16.01
C LYS B 191 19.40 9.18 16.24
N LEU B 192 19.24 10.37 15.65
CA LEU B 192 17.94 11.06 15.76
C LEU B 192 17.46 11.49 14.37
N VAL B 193 16.17 11.28 14.10
CA VAL B 193 15.51 11.78 12.89
C VAL B 193 14.35 12.68 13.32
N VAL B 194 14.37 13.93 12.86
CA VAL B 194 13.41 14.95 13.27
C VAL B 194 12.45 15.24 12.11
N PRO B 195 11.20 14.83 12.25
CA PRO B 195 10.20 15.14 11.21
C PRO B 195 9.64 16.55 11.40
N SER B 196 8.95 17.07 10.37
CA SER B 196 8.27 18.35 10.52
C SER B 196 7.05 18.25 11.42
N HIS B 197 6.21 17.25 11.16
CA HIS B 197 4.89 17.29 11.80
C HIS B 197 4.69 16.19 12.83
N SER B 198 5.58 15.24 13.02
CA SER B 198 5.45 14.28 14.14
C SER B 198 6.70 14.39 15.00
N GLU B 199 6.85 13.67 16.09
CA GLU B 199 8.00 13.98 16.97
C GLU B 199 9.23 13.17 16.61
N VAL B 200 10.36 13.59 17.21
CA VAL B 200 11.66 12.98 16.99
C VAL B 200 11.62 11.48 17.27
N GLY B 201 12.27 10.74 16.40
CA GLY B 201 12.42 9.29 16.49
C GLY B 201 13.87 8.92 16.19
N ASP B 202 14.15 7.63 16.03
CA ASP B 202 15.50 7.22 15.67
C ASP B 202 15.52 6.81 14.21
N ALA B 203 16.52 6.10 13.72
CA ALA B 203 16.51 5.77 12.28
C ALA B 203 15.27 5.02 11.83
N SER B 204 14.52 4.37 12.70
CA SER B 204 13.27 3.68 12.35
C SER B 204 12.26 4.56 11.64
N LEU B 205 12.36 5.89 11.75
CA LEU B 205 11.40 6.71 11.01
C LEU B 205 11.74 6.73 9.54
N LEU B 206 12.98 6.41 9.20
CA LEU B 206 13.29 6.30 7.77
C LEU B 206 12.56 5.13 7.14
N LYS B 207 12.48 4.06 7.92
CA LYS B 207 11.88 2.82 7.44
C LYS B 207 10.37 2.99 7.29
N LEU B 208 9.75 3.59 8.30
CA LEU B 208 8.31 3.83 8.29
C LEU B 208 7.89 4.74 7.14
N THR B 209 8.62 5.83 6.91
CA THR B 209 8.44 6.69 5.74
C THR B 209 8.38 5.88 4.45
N LEU B 210 9.37 5.01 4.19
CA LEU B 210 9.34 4.23 2.96
C LEU B 210 8.09 3.39 2.84
N GLU B 211 7.74 2.74 3.96
CA GLU B 211 6.58 1.86 3.93
C GLU B 211 5.35 2.66 3.53
N GLN B 212 5.23 3.84 4.14
CA GLN B 212 4.06 4.68 3.90
C GLN B 212 4.04 5.09 2.42
N ALA B 213 5.21 5.44 1.90
CA ALA B 213 5.37 5.79 0.50
C ALA B 213 5.05 4.60 -0.39
N VAL B 214 5.56 3.40 -0.10
CA VAL B 214 5.18 2.21 -0.85
C VAL B 214 3.67 2.01 -0.84
N LYS B 215 3.11 2.00 0.37
CA LYS B 215 1.67 1.80 0.51
C LYS B 215 0.89 2.84 -0.28
N GLY B 216 1.46 4.03 -0.44
CA GLY B 216 0.68 5.11 -1.05
C GLY B 216 0.77 5.03 -2.55
N LEU B 217 1.94 4.65 -3.08
CA LEU B 217 2.07 4.43 -4.52
C LEU B 217 1.17 3.28 -4.98
N ASN B 218 1.15 2.19 -4.22
CA ASN B 218 0.31 1.06 -4.59
C ASN B 218 -1.14 1.49 -4.83
N GLU B 219 -1.67 2.20 -3.86
CA GLU B 219 -3.01 2.76 -3.81
C GLU B 219 -3.29 3.61 -5.06
N SER B 220 -2.24 4.17 -5.60
CA SER B 220 -2.15 5.04 -6.75
C SER B 220 -2.40 4.30 -8.07
N LYS B 221 -1.49 3.44 -8.45
CA LYS B 221 -1.35 2.64 -9.64
C LYS B 221 -2.65 2.51 -10.43
ZN ZN C . -17.24 -18.57 -14.55
ZN ZN D . -18.09 -17.02 -11.45
C ACT E . -20.15 -10.99 0.29
O ACT E . -20.04 -12.00 -0.37
OXT ACT E . -19.53 -10.92 1.46
CH3 ACT E . -21.00 -9.84 -0.20
ZN ZN F . -19.55 -13.17 0.86
C1 BDS G . -19.64 -15.25 -13.59
C2 BDS G . -18.87 -16.43 -14.15
O3 BDS G . -17.85 -16.87 -13.56
O4 BDS G . -19.27 -16.92 -15.24
C5 BDS G . -19.71 -14.19 -14.73
C6 BDS G . -18.56 -13.19 -14.62
C7 BDS G . -18.76 -12.04 -13.81
C8 BDS G . -17.73 -11.11 -13.61
C9 BDS G . -16.57 -11.27 -14.38
O10 BDS G . -15.48 -10.50 -14.37
C11 BDS G . -14.52 -11.14 -15.22
O12 BDS G . -15.13 -12.37 -15.65
C13 BDS G . -16.36 -12.42 -15.13
C14 BDS G . -17.34 -13.40 -15.29
C15 BDS G . -21.11 -15.60 -13.24
C16 BDS G . -21.25 -17.06 -12.80
O17 BDS G . -20.37 -17.57 -12.06
O18 BDS G . -22.25 -17.74 -13.17
C19 BDS G . -21.52 -14.66 -12.07
C20 BDS G . -22.98 -14.81 -11.72
C21 BDS G . -23.93 -14.01 -12.38
C22 BDS G . -25.30 -14.13 -12.09
C23 BDS G . -25.69 -15.03 -11.11
O24 BDS G . -26.93 -15.35 -10.70
C25 BDS G . -26.81 -16.37 -9.69
O26 BDS G . -25.40 -16.66 -9.62
C27 BDS G . -24.75 -15.81 -10.43
C28 BDS G . -23.41 -15.70 -10.71
ZN ZN H . 4.88 21.00 2.73
ZN ZN I . 4.81 20.51 6.28
C ACT J . 4.69 19.24 19.70
O ACT J . 5.20 18.66 18.76
OXT ACT J . 5.46 19.48 20.77
CH3 ACT J . 3.24 19.63 19.70
ZN ZN K . 6.92 18.62 19.19
C1 BDS L . 1.78 20.67 5.66
C2 BDS L . 2.67 20.72 4.41
O3 BDS L . 3.84 21.15 4.48
O4 BDS L . 2.21 20.32 3.32
C5 BDS L . 0.44 21.43 5.30
C6 BDS L . 0.78 22.78 4.70
C7 BDS L . 1.49 23.73 5.48
C8 BDS L . 1.84 25.00 4.98
C9 BDS L . 1.42 25.32 3.69
O10 BDS L . 1.62 26.44 2.99
C11 BDS L . 1.05 26.26 1.69
O12 BDS L . 0.45 24.95 1.71
C13 BDS L . 0.73 24.40 2.92
C14 BDS L . 0.37 23.14 3.40
C15 BDS L . 1.43 19.19 5.93
C16 BDS L . 2.47 18.18 5.54
O17 BDS L . 3.71 18.36 5.69
O18 BDS L . 2.12 17.09 5.01
C19 BDS L . 0.95 19.04 7.39
C20 BDS L . 0.39 17.65 7.65
C21 BDS L . -0.96 17.41 7.40
C22 BDS L . -1.52 16.13 7.58
C23 BDS L . -0.73 15.13 8.14
O24 BDS L . -1.03 13.86 8.39
C25 BDS L . 0.15 13.19 8.82
O26 BDS L . 1.19 14.21 8.79
C27 BDS L . 0.64 15.34 8.33
C28 BDS L . 1.20 16.60 8.13
#